data_3NVS
#
_entry.id   3NVS
#
_cell.length_a   43.866
_cell.length_b   87.484
_cell.length_c   49.994
_cell.angle_alpha   90.00
_cell.angle_beta   105.26
_cell.angle_gamma   90.00
#
_symmetry.space_group_name_H-M   'P 1 21 1'
#
loop_
_entity.id
_entity.type
_entity.pdbx_description
1 polymer '3-phosphoshikimate 1-carboxyvinyltransferase'
2 non-polymer SHIKIMATE-3-PHOSPHATE
3 non-polymer '(3R,4S,5R)-3,4,5-TRIHYDROXYCYCLOHEX-1-ENE-1-CARBOXYLIC ACID'
4 non-polymer GLYPHOSATE
5 non-polymer 'MAGNESIUM ION'
6 non-polymer 'CHLORIDE ION'
7 non-polymer '4-(2-HYDROXYETHYL)-1-PIPERAZINE ETHANESULFONIC ACID'
8 non-polymer 'PHOSPHATE ION'
9 water water
#
_entity_poly.entity_id   1
_entity_poly.type   'polypeptide(L)'
_entity_poly.pdbx_seq_one_letter_code
;MHHHHHHSSGVDLGTENLYFQSNAMESLTLQPIELISGEVNLPGSKSVSNRALLLAALASGTTRLTNLLDSDDIRHMLNA
LTKLGVNYRLSADKTTCEVEGLGQAFHTTQPLELFLGNAGTAMRPLAAALCLGQGDYVLTGEPRMKERPIGHLVDALRQA
GAQIEYLEQENFPPLRIQGTGLQAGTVTIDGSISSQFLTAFLMSAPLAQGKVTIKIVGELVSKPYIDITLHIMEQFGVQV
INHDYQEFVIPAGQSYVSPGQFLVEGDASSASYFLAAAAIKGGEVKVTGIGKNSIQGDIQFADALEKMGAQIEWGDDYVI
ARRGELNAVDLDFNHIPDAAMTIATTALFAKGTTAIRNVYNWRVKETDRLAAMATELRKVGATVEEGEDFIVITPPTKLI
HAAIDTYDDHRMAMCFSLVALSDTPVTINDPKCTSKTFPDYFDKFAQLSR
;
_entity_poly.pdbx_strand_id   A
#
loop_
_chem_comp.id
_chem_comp.type
_chem_comp.name
_chem_comp.formula
CL non-polymer 'CHLORIDE ION' 'Cl -1'
EPE non-polymer '4-(2-HYDROXYETHYL)-1-PIPERAZINE ETHANESULFONIC ACID' 'C8 H18 N2 O4 S'
GPJ non-polymer GLYPHOSATE 'C3 H9 N O5 P 1'
MG non-polymer 'MAGNESIUM ION' 'Mg 2'
PO4 non-polymer 'PHOSPHATE ION' 'O4 P -3'
S3P non-polymer SHIKIMATE-3-PHOSPHATE 'C7 H11 O8 P'
SKM non-polymer '(3R,4S,5R)-3,4,5-TRIHYDROXYCYCLOHEX-1-ENE-1-CARBOXYLIC ACID' 'C7 H10 O5'
#
# COMPACT_ATOMS: atom_id res chain seq x y z
N MET A 25 -3.38 0.59 26.76
N MET A 25 -3.21 1.00 27.49
CA MET A 25 -4.27 1.19 25.72
CA MET A 25 -3.86 1.38 26.19
C MET A 25 -4.33 2.71 25.83
C MET A 25 -4.04 2.89 26.07
N GLU A 26 -4.27 3.34 24.66
N GLU A 26 -4.25 3.33 24.83
CA GLU A 26 -4.38 4.78 24.53
CA GLU A 26 -4.33 4.75 24.49
C GLU A 26 -5.63 5.10 23.73
C GLU A 26 -5.62 5.10 23.70
N SER A 27 -6.05 6.36 23.78
CA SER A 27 -7.19 6.85 23.00
C SER A 27 -7.09 8.35 22.77
N LEU A 28 -7.78 8.80 21.74
CA LEU A 28 -7.91 10.21 21.36
C LEU A 28 -9.37 10.53 21.15
N THR A 29 -9.88 11.55 21.82
CA THR A 29 -11.24 12.02 21.58
C THR A 29 -11.22 13.31 20.78
N LEU A 30 -11.85 13.28 19.61
CA LEU A 30 -11.97 14.47 18.77
C LEU A 30 -13.35 15.07 18.99
N GLN A 31 -13.37 16.32 19.46
CA GLN A 31 -14.62 17.06 19.58
C GLN A 31 -15.14 17.41 18.18
N PRO A 32 -16.43 17.76 18.07
CA PRO A 32 -16.99 18.08 16.79
C PRO A 32 -16.25 19.22 16.08
N ILE A 33 -16.12 19.07 14.77
CA ILE A 33 -15.41 20.00 13.89
C ILE A 33 -16.44 20.65 12.99
N GLU A 34 -16.52 21.98 13.06
N GLU A 34 -16.48 21.98 13.04
CA GLU A 34 -17.57 22.70 12.32
CA GLU A 34 -17.52 22.73 12.33
C GLU A 34 -17.26 23.02 10.85
C GLU A 34 -17.25 22.99 10.85
N LEU A 35 -15.98 23.06 10.49
CA LEU A 35 -15.57 23.43 9.13
C LEU A 35 -14.18 22.87 8.85
N ILE A 36 -14.03 22.36 7.63
CA ILE A 36 -12.75 21.88 7.12
C ILE A 36 -12.29 22.77 5.98
N SER A 37 -11.04 23.22 6.04
CA SER A 37 -10.47 23.99 4.93
C SER A 37 -8.97 24.04 5.09
N GLY A 38 -8.27 24.09 3.96
CA GLY A 38 -6.84 24.31 3.97
C GLY A 38 -6.10 23.53 2.93
N GLU A 39 -4.86 23.25 3.26
CA GLU A 39 -3.95 22.60 2.34
C GLU A 39 -3.02 21.65 3.10
N VAL A 40 -2.76 20.50 2.48
CA VAL A 40 -1.86 19.51 3.05
C VAL A 40 -0.81 19.12 2.03
N ASN A 41 0.46 19.20 2.44
N ASN A 41 0.46 19.21 2.45
CA ASN A 41 1.59 18.67 1.67
CA ASN A 41 1.57 18.65 1.69
C ASN A 41 1.68 17.18 2.06
C ASN A 41 1.63 17.18 2.08
N LEU A 42 1.34 16.30 1.15
CA LEU A 42 1.20 14.90 1.49
C LEU A 42 2.49 14.22 1.90
N PRO A 43 2.39 13.27 2.84
CA PRO A 43 3.53 12.40 3.10
C PRO A 43 3.81 11.55 1.83
N GLY A 44 5.02 11.06 1.68
CA GLY A 44 5.32 10.23 0.53
C GLY A 44 4.50 8.94 0.42
N SER A 45 4.36 8.44 -0.81
CA SER A 45 3.68 7.19 -1.07
C SER A 45 4.41 6.00 -0.48
N LYS A 46 3.70 5.24 0.33
CA LYS A 46 4.25 3.99 0.85
C LYS A 46 4.57 2.99 -0.27
N SER A 47 3.63 2.83 -1.21
CA SER A 47 3.81 1.93 -2.31
C SER A 47 5.02 2.23 -3.16
N VAL A 48 5.14 3.51 -3.52
CA VAL A 48 6.28 3.94 -4.33
C VAL A 48 7.58 3.84 -3.52
N SER A 49 7.55 4.27 -2.26
CA SER A 49 8.75 4.29 -1.45
C SER A 49 9.40 2.91 -1.33
N ASN A 50 8.61 1.90 -0.96
CA ASN A 50 9.19 0.59 -0.77
C ASN A 50 9.67 -0.07 -2.06
N ARG A 51 8.97 0.16 -3.16
CA ARG A 51 9.47 -0.33 -4.45
C ARG A 51 10.82 0.36 -4.80
N ALA A 52 10.86 1.67 -4.66
CA ALA A 52 12.05 2.43 -5.07
C ALA A 52 13.24 2.07 -4.20
N LEU A 53 13.02 1.84 -2.91
CA LEU A 53 14.13 1.45 -2.03
C LEU A 53 14.71 0.09 -2.43
N LEU A 54 13.84 -0.89 -2.71
CA LEU A 54 14.34 -2.21 -3.06
C LEU A 54 15.04 -2.18 -4.42
N LEU A 55 14.46 -1.53 -5.41
CA LEU A 55 15.11 -1.45 -6.71
C LEU A 55 16.42 -0.65 -6.59
N ALA A 56 16.44 0.40 -5.78
CA ALA A 56 17.69 1.15 -5.58
C ALA A 56 18.79 0.27 -5.02
N ALA A 57 18.43 -0.62 -4.12
CA ALA A 57 19.41 -1.55 -3.53
C ALA A 57 19.98 -2.50 -4.56
N LEU A 58 19.13 -3.01 -5.45
CA LEU A 58 19.55 -3.97 -6.46
C LEU A 58 20.27 -3.33 -7.65
N ALA A 59 19.97 -2.08 -7.93
CA ALA A 59 20.50 -1.40 -9.09
C ALA A 59 21.96 -1.05 -8.99
N SER A 60 22.50 -0.71 -10.15
N SER A 60 22.54 -0.74 -10.13
CA SER A 60 23.81 -0.09 -10.25
CA SER A 60 23.85 -0.13 -10.16
C SER A 60 23.63 1.41 -10.05
C SER A 60 23.68 1.40 -10.10
N GLY A 61 24.58 2.04 -9.37
CA GLY A 61 24.55 3.47 -9.16
C GLY A 61 23.86 3.86 -7.85
N THR A 62 24.03 5.11 -7.48
CA THR A 62 23.41 5.65 -6.29
C THR A 62 22.10 6.35 -6.65
N THR A 63 21.03 5.97 -5.98
CA THR A 63 19.73 6.62 -6.17
C THR A 63 19.55 7.66 -5.09
N ARG A 64 19.19 8.87 -5.52
N ARG A 64 19.18 8.87 -5.52
CA ARG A 64 18.94 10.01 -4.62
CA ARG A 64 18.92 10.01 -4.63
C ARG A 64 17.43 10.23 -4.52
C ARG A 64 17.42 10.20 -4.54
N LEU A 65 16.81 9.59 -3.52
CA LEU A 65 15.40 9.66 -3.32
C LEU A 65 15.04 10.90 -2.51
N THR A 66 13.96 11.56 -2.89
CA THR A 66 13.35 12.64 -2.12
C THR A 66 11.85 12.36 -1.99
N ASN A 67 11.28 12.99 -0.96
CA ASN A 67 9.90 12.80 -0.55
C ASN A 67 9.62 11.35 -0.12
N LEU A 68 10.65 10.65 0.34
CA LEU A 68 10.47 9.30 0.86
C LEU A 68 9.53 9.38 2.08
N LEU A 69 8.68 8.38 2.24
CA LEU A 69 7.83 8.29 3.42
C LEU A 69 8.60 7.83 4.64
N ASP A 70 8.41 8.54 5.76
CA ASP A 70 8.85 8.05 7.07
C ASP A 70 7.65 7.42 7.77
N SER A 71 7.59 6.10 7.78
CA SER A 71 6.52 5.39 8.45
C SER A 71 7.03 4.01 8.80
N ASP A 72 6.25 3.25 9.55
CA ASP A 72 6.74 1.94 9.98
C ASP A 72 7.08 1.03 8.79
N ASP A 73 6.23 1.03 7.77
CA ASP A 73 6.47 0.10 6.65
C ASP A 73 7.79 0.38 5.96
N ILE A 74 8.16 1.66 5.83
N ILE A 74 8.16 1.65 5.87
CA ILE A 74 9.44 2.03 5.21
CA ILE A 74 9.39 2.04 5.22
C ILE A 74 10.59 1.74 6.16
C ILE A 74 10.58 1.78 6.15
N ARG A 75 10.40 2.03 7.44
CA ARG A 75 11.45 1.75 8.43
C ARG A 75 11.84 0.27 8.41
N HIS A 76 10.85 -0.62 8.31
CA HIS A 76 11.15 -2.05 8.27
C HIS A 76 11.95 -2.41 7.01
N MET A 77 11.63 -1.78 5.89
CA MET A 77 12.38 -2.03 4.65
C MET A 77 13.84 -1.53 4.82
N LEU A 78 13.99 -0.30 5.32
CA LEU A 78 15.32 0.28 5.56
C LEU A 78 16.15 -0.59 6.49
N ASN A 79 15.52 -1.08 7.56
CA ASN A 79 16.23 -1.93 8.50
C ASN A 79 16.68 -3.25 7.85
N ALA A 80 15.83 -3.81 7.00
CA ALA A 80 16.18 -5.02 6.27
C ALA A 80 17.39 -4.74 5.36
N LEU A 81 17.31 -3.65 4.62
CA LEU A 81 18.43 -3.26 3.74
C LEU A 81 19.73 -3.08 4.52
N THR A 82 19.66 -2.49 5.71
CA THR A 82 20.84 -2.39 6.57
C THR A 82 21.42 -3.78 6.85
N LYS A 83 20.57 -4.70 7.30
CA LYS A 83 21.05 -6.05 7.60
C LYS A 83 21.63 -6.76 6.38
N LEU A 84 21.06 -6.48 5.23
CA LEU A 84 21.45 -7.08 3.97
C LEU A 84 22.72 -6.48 3.37
N GLY A 85 23.30 -5.48 4.03
CA GLY A 85 24.59 -4.91 3.61
C GLY A 85 24.52 -3.72 2.69
N VAL A 86 23.37 -3.12 2.55
CA VAL A 86 23.22 -1.96 1.70
C VAL A 86 23.67 -0.73 2.46
N ASN A 87 24.48 0.08 1.79
CA ASN A 87 24.91 1.38 2.31
C ASN A 87 23.97 2.46 1.83
N TYR A 88 23.38 3.19 2.77
N TYR A 88 23.28 3.07 2.79
CA TYR A 88 22.54 4.34 2.43
CA TYR A 88 22.38 4.17 2.52
C TYR A 88 22.67 5.40 3.52
C TYR A 88 22.55 5.23 3.59
N ARG A 89 22.24 6.61 3.15
N ARG A 89 22.22 6.45 3.19
CA ARG A 89 22.22 7.73 4.08
CA ARG A 89 22.24 7.63 4.07
C ARG A 89 20.83 8.34 4.07
C ARG A 89 20.86 8.32 4.07
N LEU A 90 20.23 8.35 5.25
CA LEU A 90 18.92 8.94 5.43
C LEU A 90 19.05 10.25 6.17
N SER A 91 18.43 11.30 5.64
CA SER A 91 18.42 12.62 6.21
C SER A 91 17.75 12.66 7.57
N ALA A 92 18.04 13.72 8.30
CA ALA A 92 17.45 13.91 9.62
C ALA A 92 15.91 13.86 9.58
N ASP A 93 15.33 14.44 8.52
CA ASP A 93 13.85 14.49 8.41
C ASP A 93 13.26 13.18 7.82
N LYS A 94 14.15 12.29 7.41
N LYS A 94 14.14 12.25 7.47
CA LYS A 94 13.80 10.94 6.97
CA LYS A 94 13.75 10.92 7.00
C LYS A 94 13.06 10.90 5.65
C LYS A 94 13.03 10.90 5.67
N THR A 95 13.13 11.99 4.89
CA THR A 95 12.50 12.01 3.57
C THR A 95 13.48 12.04 2.41
N THR A 96 14.76 12.30 2.69
CA THR A 96 15.80 12.33 1.65
C THR A 96 16.73 11.19 1.94
N CYS A 97 16.96 10.33 0.96
CA CYS A 97 17.73 9.09 1.18
C CYS A 97 18.56 8.78 -0.05
N GLU A 98 19.86 8.59 0.17
CA GLU A 98 20.78 8.20 -0.90
C GLU A 98 21.14 6.75 -0.71
N VAL A 99 20.79 5.91 -1.67
CA VAL A 99 21.03 4.48 -1.60
C VAL A 99 22.11 4.08 -2.60
N GLU A 100 23.20 3.51 -2.10
N GLU A 100 23.18 3.49 -2.08
CA GLU A 100 24.27 2.99 -2.96
CA GLU A 100 24.26 2.96 -2.92
C GLU A 100 23.89 1.59 -3.45
C GLU A 100 23.83 1.59 -3.43
N GLY A 101 23.60 1.48 -4.73
CA GLY A 101 23.15 0.23 -5.26
C GLY A 101 24.22 -0.84 -5.25
N LEU A 102 23.80 -2.09 -5.03
CA LEU A 102 24.70 -3.24 -5.04
C LEU A 102 25.03 -3.70 -6.44
N GLY A 103 24.18 -3.38 -7.39
CA GLY A 103 24.34 -3.82 -8.79
C GLY A 103 24.21 -5.30 -9.02
N GLN A 104 23.62 -5.98 -8.04
N GLN A 104 23.58 -5.98 -8.06
CA GLN A 104 23.41 -7.43 -8.08
CA GLN A 104 23.33 -7.42 -8.12
C GLN A 104 22.50 -7.80 -6.91
C GLN A 104 22.47 -7.79 -6.92
N ALA A 105 22.16 -9.08 -6.83
CA ALA A 105 21.38 -9.65 -5.74
C ALA A 105 22.16 -9.54 -4.43
N PHE A 106 21.44 -9.75 -3.33
CA PHE A 106 22.06 -9.74 -2.02
C PHE A 106 23.00 -10.92 -1.83
N HIS A 107 24.07 -10.70 -1.08
CA HIS A 107 25.07 -11.71 -0.79
C HIS A 107 25.43 -11.53 0.66
N THR A 108 24.96 -12.44 1.49
CA THR A 108 25.17 -12.36 2.92
C THR A 108 25.79 -13.67 3.37
N THR A 109 26.50 -13.61 4.49
CA THR A 109 27.30 -14.77 4.93
C THR A 109 26.99 -15.29 6.32
N GLN A 110 26.11 -14.61 7.04
CA GLN A 110 25.64 -15.11 8.33
C GLN A 110 24.11 -15.16 8.26
N PRO A 111 23.48 -16.13 8.95
CA PRO A 111 22.04 -16.14 8.93
C PRO A 111 21.45 -14.87 9.53
N LEU A 112 20.41 -14.35 8.90
CA LEU A 112 19.75 -13.12 9.33
C LEU A 112 18.29 -13.34 9.62
N GLU A 113 17.78 -12.62 10.60
CA GLU A 113 16.36 -12.53 10.87
C GLU A 113 15.88 -11.13 10.46
N LEU A 114 14.90 -11.08 9.57
CA LEU A 114 14.38 -9.81 9.09
C LEU A 114 12.97 -9.62 9.65
N PHE A 115 12.83 -8.69 10.58
CA PHE A 115 11.54 -8.38 11.17
C PHE A 115 10.89 -7.32 10.30
N LEU A 116 9.73 -7.65 9.73
CA LEU A 116 9.10 -6.81 8.72
C LEU A 116 7.76 -6.24 9.17
N GLY A 117 7.53 -6.19 10.48
CA GLY A 117 6.34 -5.57 11.01
C GLY A 117 5.09 -6.22 10.44
N ASN A 118 4.25 -5.39 9.87
CA ASN A 118 3.10 -5.89 9.12
C ASN A 118 3.10 -5.27 7.69
N ALA A 119 4.31 -5.10 7.15
CA ALA A 119 4.51 -4.40 5.86
C ALA A 119 4.48 -5.42 4.72
N GLY A 120 3.34 -5.57 4.07
CA GLY A 120 3.27 -6.43 2.90
C GLY A 120 4.23 -6.02 1.80
N THR A 121 4.42 -4.71 1.65
CA THR A 121 5.31 -4.19 0.59
C THR A 121 6.79 -4.37 0.90
N ALA A 122 7.12 -4.86 2.10
CA ALA A 122 8.46 -5.37 2.39
C ALA A 122 8.45 -6.93 2.32
N MET A 123 7.53 -7.57 3.02
CA MET A 123 7.51 -9.03 3.08
C MET A 123 7.38 -9.70 1.71
N ARG A 124 6.42 -9.28 0.91
CA ARG A 124 6.22 -9.92 -0.38
C ARG A 124 7.42 -9.70 -1.32
N PRO A 125 7.82 -8.43 -1.55
CA PRO A 125 8.97 -8.22 -2.43
C PRO A 125 10.26 -8.83 -1.96
N LEU A 126 10.54 -8.80 -0.65
CA LEU A 126 11.78 -9.38 -0.16
C LEU A 126 11.74 -10.93 -0.22
N ALA A 127 10.57 -11.52 -0.04
CA ALA A 127 10.46 -13.00 -0.16
C ALA A 127 10.99 -13.45 -1.53
N ALA A 128 10.62 -12.71 -2.56
CA ALA A 128 11.13 -13.00 -3.91
C ALA A 128 12.61 -12.61 -4.04
N ALA A 129 12.97 -11.40 -3.65
CA ALA A 129 14.32 -10.93 -3.96
C ALA A 129 15.39 -11.73 -3.24
N LEU A 130 15.09 -12.20 -2.03
CA LEU A 130 16.08 -12.97 -1.26
C LEU A 130 16.37 -14.33 -1.84
N CYS A 131 15.50 -14.80 -2.72
CA CYS A 131 15.79 -16.06 -3.42
C CYS A 131 16.91 -15.90 -4.45
N LEU A 132 17.13 -14.68 -4.94
CA LEU A 132 18.05 -14.42 -6.07
C LEU A 132 19.51 -14.61 -5.80
N GLY A 133 19.91 -14.41 -4.57
CA GLY A 133 21.31 -14.31 -4.22
C GLY A 133 21.85 -15.46 -3.43
N GLN A 134 22.71 -15.13 -2.48
N GLN A 134 22.73 -15.13 -2.49
CA GLN A 134 23.36 -16.10 -1.60
CA GLN A 134 23.33 -16.14 -1.63
C GLN A 134 23.16 -15.67 -0.18
C GLN A 134 23.16 -15.68 -0.20
N GLY A 135 22.67 -16.59 0.64
CA GLY A 135 22.46 -16.32 2.05
C GLY A 135 21.34 -17.14 2.65
N ASP A 136 21.10 -16.86 3.92
N ASP A 136 21.15 -16.93 3.95
CA ASP A 136 20.13 -17.57 4.74
CA ASP A 136 20.19 -17.67 4.80
C ASP A 136 19.34 -16.59 5.55
C ASP A 136 19.36 -16.61 5.57
N TYR A 137 18.03 -16.65 5.41
CA TYR A 137 17.13 -15.62 5.96
C TYR A 137 15.89 -16.19 6.59
N VAL A 138 15.47 -15.56 7.67
CA VAL A 138 14.14 -15.79 8.21
C VAL A 138 13.39 -14.48 8.06
N LEU A 139 12.26 -14.55 7.38
CA LEU A 139 11.38 -13.37 7.19
C LEU A 139 10.20 -13.55 8.14
N THR A 140 10.04 -12.59 9.03
CA THR A 140 8.99 -12.65 10.02
C THR A 140 8.42 -11.27 10.26
N GLY A 141 7.55 -11.15 11.24
CA GLY A 141 6.97 -9.87 11.59
C GLY A 141 6.03 -10.01 12.75
N GLU A 142 5.11 -9.06 12.84
CA GLU A 142 4.13 -9.03 13.92
C GLU A 142 3.15 -10.20 13.79
N PRO A 143 2.42 -10.52 14.86
CA PRO A 143 1.49 -11.64 14.80
C PRO A 143 0.56 -11.59 13.60
N ARG A 144 0.00 -10.43 13.27
CA ARG A 144 -0.92 -10.35 12.14
C ARG A 144 -0.27 -10.75 10.84
N MET A 145 1.00 -10.41 10.65
CA MET A 145 1.68 -10.76 9.39
C MET A 145 1.74 -12.26 9.20
N LYS A 146 1.86 -13.00 10.29
CA LYS A 146 1.86 -14.47 10.24
C LYS A 146 0.51 -15.04 9.84
N GLU A 147 -0.51 -14.20 9.82
N GLU A 147 -0.54 -14.19 9.85
CA GLU A 147 -1.85 -14.58 9.44
CA GLU A 147 -1.93 -14.52 9.41
C GLU A 147 -2.26 -13.96 8.09
C GLU A 147 -2.25 -14.08 7.99
N ARG A 148 -1.30 -13.45 7.31
CA ARG A 148 -1.55 -12.86 5.98
C ARG A 148 -0.91 -13.77 4.94
N PRO A 149 -1.65 -14.09 3.89
CA PRO A 149 -1.23 -15.10 2.95
C PRO A 149 0.01 -14.79 2.14
N ILE A 150 0.78 -15.82 1.83
CA ILE A 150 1.93 -15.68 0.93
C ILE A 150 2.16 -16.90 0.06
N GLY A 151 1.30 -17.91 0.19
CA GLY A 151 1.49 -19.16 -0.55
C GLY A 151 1.52 -19.00 -2.04
N HIS A 152 0.70 -18.14 -2.60
CA HIS A 152 0.69 -17.97 -4.05
C HIS A 152 2.06 -17.51 -4.58
N LEU A 153 2.75 -16.65 -3.81
CA LEU A 153 4.08 -16.19 -4.19
C LEU A 153 5.09 -17.32 -4.04
N VAL A 154 5.07 -17.98 -2.89
CA VAL A 154 6.00 -19.09 -2.65
C VAL A 154 5.87 -20.17 -3.72
N ASP A 155 4.64 -20.49 -4.12
CA ASP A 155 4.43 -21.50 -5.14
C ASP A 155 5.14 -21.13 -6.44
N ALA A 156 5.04 -19.87 -6.85
CA ALA A 156 5.69 -19.42 -8.08
C ALA A 156 7.22 -19.43 -7.96
N LEU A 157 7.72 -18.93 -6.83
CA LEU A 157 9.17 -18.91 -6.59
C LEU A 157 9.75 -20.34 -6.64
N ARG A 158 9.05 -21.27 -6.01
CA ARG A 158 9.51 -22.68 -6.03
C ARG A 158 9.54 -23.22 -7.44
N GLN A 159 8.61 -22.83 -8.30
CA GLN A 159 8.63 -23.27 -9.71
C GLN A 159 9.92 -22.85 -10.38
N ALA A 160 10.46 -21.69 -10.00
CA ALA A 160 11.71 -21.14 -10.54
C ALA A 160 12.95 -21.56 -9.72
N GLY A 161 12.79 -22.58 -8.87
CA GLY A 161 13.94 -23.18 -8.17
C GLY A 161 14.22 -22.73 -6.75
N ALA A 162 13.34 -21.91 -6.21
CA ALA A 162 13.59 -21.36 -4.89
C ALA A 162 13.55 -22.41 -3.78
N GLN A 163 14.26 -22.13 -2.70
N GLN A 163 14.25 -22.06 -2.72
CA GLN A 163 14.25 -22.96 -1.50
CA GLN A 163 14.32 -22.83 -1.49
C GLN A 163 13.66 -22.13 -0.37
C GLN A 163 13.63 -22.02 -0.41
N ILE A 164 12.40 -22.41 -0.07
CA ILE A 164 11.59 -21.68 0.91
C ILE A 164 10.88 -22.70 1.80
N GLU A 165 11.02 -22.50 3.10
CA GLU A 165 10.36 -23.32 4.13
C GLU A 165 9.37 -22.47 4.92
N TYR A 166 8.18 -23.01 5.11
CA TYR A 166 7.19 -22.44 6.03
C TYR A 166 7.58 -22.89 7.45
N LEU A 167 7.93 -21.94 8.30
CA LEU A 167 8.36 -22.27 9.65
C LEU A 167 7.24 -22.58 10.64
N GLU A 168 6.07 -22.04 10.36
N GLU A 168 6.04 -22.08 10.37
CA GLU A 168 4.90 -22.27 11.21
CA GLU A 168 4.89 -22.28 11.29
C GLU A 168 3.79 -22.83 10.30
C GLU A 168 3.60 -22.87 10.69
N GLN A 169 2.78 -22.04 9.95
N GLN A 169 3.11 -22.27 9.61
CA GLN A 169 1.73 -22.55 9.11
CA GLN A 169 1.88 -22.75 8.96
C GLN A 169 2.07 -22.52 7.60
C GLN A 169 2.02 -22.68 7.44
N GLU A 170 1.69 -23.59 6.92
N GLU A 170 1.63 -23.75 6.75
CA GLU A 170 1.78 -23.67 5.45
CA GLU A 170 1.66 -23.76 5.31
C GLU A 170 1.01 -22.48 4.85
C GLU A 170 0.94 -22.53 4.76
N ASN A 171 1.60 -21.85 3.83
CA ASN A 171 1.02 -20.71 3.10
C ASN A 171 1.09 -19.36 3.76
N PHE A 172 1.81 -19.26 4.88
CA PHE A 172 1.92 -18.02 5.66
C PHE A 172 3.35 -17.82 6.10
N PRO A 173 3.74 -16.55 6.35
CA PRO A 173 4.99 -16.31 7.07
C PRO A 173 4.86 -16.90 8.49
N PRO A 174 5.99 -17.10 9.18
CA PRO A 174 7.35 -16.78 8.77
C PRO A 174 7.96 -17.78 7.81
N LEU A 175 8.92 -17.29 7.02
CA LEU A 175 9.58 -18.09 6.01
C LEU A 175 11.06 -18.20 6.30
N ARG A 176 11.64 -19.37 6.01
CA ARG A 176 13.11 -19.52 5.96
C ARG A 176 13.48 -19.67 4.50
N ILE A 177 14.34 -18.79 4.01
CA ILE A 177 14.74 -18.76 2.60
C ILE A 177 16.23 -18.93 2.50
N GLN A 178 16.67 -19.76 1.57
CA GLN A 178 18.10 -19.85 1.24
C GLN A 178 18.23 -19.33 -0.18
N GLY A 179 19.18 -18.42 -0.40
CA GLY A 179 19.42 -17.90 -1.72
C GLY A 179 19.83 -19.04 -2.65
N THR A 180 19.24 -19.06 -3.85
CA THR A 180 19.50 -20.07 -4.84
C THR A 180 19.72 -19.54 -6.26
N GLY A 181 19.34 -18.28 -6.52
CA GLY A 181 19.14 -17.79 -7.85
C GLY A 181 17.74 -18.25 -8.27
N LEU A 182 17.18 -17.56 -9.25
CA LEU A 182 15.88 -17.94 -9.83
C LEU A 182 16.14 -18.33 -11.28
N GLN A 183 15.54 -19.43 -11.68
N GLN A 183 15.60 -19.46 -11.70
CA GLN A 183 15.70 -19.97 -13.02
CA GLN A 183 15.84 -19.92 -13.04
C GLN A 183 14.93 -19.18 -14.07
C GLN A 183 14.97 -19.20 -14.06
N ALA A 184 15.43 -19.28 -15.30
CA ALA A 184 14.70 -18.80 -16.44
C ALA A 184 13.48 -19.71 -16.57
N GLY A 185 12.47 -19.20 -17.26
CA GLY A 185 11.31 -20.02 -17.61
C GLY A 185 9.98 -19.41 -17.21
N THR A 186 8.95 -20.22 -17.43
CA THR A 186 7.58 -19.85 -17.20
C THR A 186 7.07 -20.31 -15.84
N VAL A 187 6.49 -19.36 -15.09
CA VAL A 187 5.85 -19.68 -13.84
C VAL A 187 4.41 -19.19 -13.91
N THR A 188 3.61 -19.70 -12.97
N THR A 188 3.57 -19.87 -13.14
CA THR A 188 2.22 -19.32 -12.81
CA THR A 188 2.20 -19.47 -13.01
C THR A 188 1.98 -18.60 -11.46
C THR A 188 2.14 -18.82 -11.66
N ILE A 189 1.35 -17.41 -11.53
N ILE A 189 1.25 -17.85 -11.52
CA ILE A 189 0.94 -16.60 -10.34
CA ILE A 189 1.05 -17.22 -10.24
C ILE A 189 -0.59 -16.36 -10.20
C ILE A 189 -0.40 -16.80 -10.24
N ASP A 190 -1.16 -16.77 -9.06
N ASP A 190 -0.95 -16.82 -9.03
CA ASP A 190 -2.55 -16.49 -8.80
CA ASP A 190 -2.34 -16.47 -8.75
C ASP A 190 -2.60 -15.03 -8.39
C ASP A 190 -2.47 -14.97 -8.44
N GLY A 191 -3.39 -14.28 -9.11
CA GLY A 191 -3.58 -12.85 -8.89
C GLY A 191 -4.84 -12.47 -8.12
N SER A 192 -5.53 -13.47 -7.58
CA SER A 192 -6.87 -13.27 -7.04
C SER A 192 -6.97 -12.79 -5.61
N ILE A 193 -5.90 -12.95 -4.84
CA ILE A 193 -5.87 -12.55 -3.41
C ILE A 193 -5.04 -11.30 -3.21
N SER A 194 -3.87 -11.22 -3.82
CA SER A 194 -3.05 -10.01 -3.75
C SER A 194 -2.29 -9.78 -5.03
N SER A 195 -2.27 -8.55 -5.48
CA SER A 195 -1.41 -8.18 -6.60
C SER A 195 0.07 -8.19 -6.19
N GLN A 196 0.34 -8.21 -4.89
CA GLN A 196 1.71 -8.06 -4.43
C GLN A 196 2.56 -9.28 -4.78
N PHE A 197 1.93 -10.45 -4.96
CA PHE A 197 2.70 -11.64 -5.33
C PHE A 197 3.30 -11.42 -6.74
N LEU A 198 2.46 -10.97 -7.66
CA LEU A 198 2.93 -10.61 -9.01
C LEU A 198 3.95 -9.48 -8.95
N THR A 199 3.68 -8.42 -8.19
CA THR A 199 4.66 -7.35 -8.04
C THR A 199 6.00 -7.87 -7.61
N ALA A 200 5.99 -8.73 -6.61
CA ALA A 200 7.23 -9.27 -6.05
C ALA A 200 8.00 -10.05 -7.08
N PHE A 201 7.32 -10.91 -7.82
CA PHE A 201 7.98 -11.73 -8.83
C PHE A 201 8.49 -10.84 -9.97
N LEU A 202 7.68 -9.88 -10.41
CA LEU A 202 8.11 -8.95 -11.44
C LEU A 202 9.41 -8.27 -11.08
N MET A 203 9.50 -7.79 -9.84
N MET A 203 9.51 -7.76 -9.85
CA MET A 203 10.66 -6.99 -9.43
CA MET A 203 10.70 -6.98 -9.50
C MET A 203 11.93 -7.84 -9.43
C MET A 203 11.96 -7.83 -9.40
N SER A 204 11.80 -9.11 -9.08
CA SER A 204 12.97 -10.00 -9.03
C SER A 204 13.34 -10.59 -10.39
N ALA A 205 12.37 -10.65 -11.29
CA ALA A 205 12.53 -11.34 -12.56
C ALA A 205 13.73 -10.94 -13.41
N PRO A 206 14.09 -9.65 -13.46
CA PRO A 206 15.23 -9.30 -14.31
C PRO A 206 16.56 -9.92 -13.86
N LEU A 207 16.64 -10.31 -12.59
N LEU A 207 16.61 -10.35 -12.59
CA LEU A 207 17.83 -10.91 -12.01
CA LEU A 207 17.80 -10.95 -11.97
C LEU A 207 17.81 -12.44 -12.04
C LEU A 207 17.79 -12.46 -11.99
N ALA A 208 16.76 -13.03 -12.62
CA ALA A 208 16.71 -14.46 -12.86
C ALA A 208 17.78 -14.81 -13.91
N GLN A 209 17.98 -16.11 -14.08
N GLN A 209 18.02 -16.11 -14.06
CA GLN A 209 19.04 -16.62 -14.95
CA GLN A 209 19.07 -16.62 -14.96
C GLN A 209 18.78 -16.49 -16.43
C GLN A 209 18.79 -16.50 -16.45
N GLY A 210 17.57 -16.12 -16.82
CA GLY A 210 17.24 -15.88 -18.22
C GLY A 210 15.85 -15.30 -18.30
N LYS A 211 15.28 -15.33 -19.50
CA LYS A 211 13.94 -14.81 -19.73
C LYS A 211 12.93 -15.45 -18.80
N VAL A 212 12.07 -14.62 -18.23
CA VAL A 212 10.99 -15.08 -17.35
C VAL A 212 9.65 -14.77 -17.99
N THR A 213 8.76 -15.75 -17.94
CA THR A 213 7.38 -15.56 -18.34
C THR A 213 6.51 -15.83 -17.13
N ILE A 214 5.62 -14.91 -16.80
CA ILE A 214 4.70 -15.06 -15.67
C ILE A 214 3.29 -15.14 -16.24
N LYS A 215 2.64 -16.29 -16.05
N LYS A 215 2.65 -16.29 -16.06
CA LYS A 215 1.25 -16.52 -16.48
CA LYS A 215 1.27 -16.48 -16.47
C LYS A 215 0.30 -16.39 -15.30
C LYS A 215 0.38 -16.27 -15.26
N ILE A 216 -0.73 -15.56 -15.45
CA ILE A 216 -1.69 -15.31 -14.36
C ILE A 216 -2.77 -16.42 -14.41
N VAL A 217 -2.95 -17.14 -13.29
CA VAL A 217 -3.92 -18.28 -13.13
C VAL A 217 -4.63 -17.95 -11.83
N GLY A 218 -5.75 -17.26 -11.99
N GLY A 218 -5.75 -17.26 -12.00
CA GLY A 218 -6.52 -16.69 -10.90
CA GLY A 218 -6.54 -16.69 -10.93
C GLY A 218 -6.46 -15.20 -11.22
C GLY A 218 -6.51 -15.19 -11.21
N GLU A 219 -7.56 -14.66 -11.76
N GLU A 219 -7.60 -14.68 -11.80
CA GLU A 219 -7.61 -13.27 -12.24
CA GLU A 219 -7.65 -13.28 -12.24
C GLU A 219 -7.14 -12.24 -11.22
C GLU A 219 -7.16 -12.24 -11.22
N LEU A 220 -6.56 -11.19 -11.76
CA LEU A 220 -5.93 -10.13 -10.98
C LEU A 220 -6.80 -9.12 -10.27
N VAL A 221 -6.54 -8.92 -8.97
CA VAL A 221 -7.15 -7.83 -8.21
C VAL A 221 -6.11 -6.71 -8.07
N SER A 222 -6.58 -5.54 -7.65
CA SER A 222 -5.70 -4.40 -7.35
C SER A 222 -4.78 -4.08 -8.53
N LYS A 223 -5.35 -4.10 -9.72
N LYS A 223 -5.34 -4.14 -9.74
CA LYS A 223 -4.58 -3.94 -10.94
CA LYS A 223 -4.55 -3.96 -10.97
C LYS A 223 -3.69 -2.69 -10.99
C LYS A 223 -3.68 -2.68 -11.02
N PRO A 224 -4.17 -1.53 -10.53
CA PRO A 224 -3.30 -0.34 -10.63
C PRO A 224 -1.95 -0.49 -9.94
N TYR A 225 -1.85 -1.31 -8.90
CA TYR A 225 -0.57 -1.52 -8.27
C TYR A 225 0.44 -2.23 -9.18
N ILE A 226 -0.04 -3.03 -10.10
CA ILE A 226 0.85 -3.63 -11.11
C ILE A 226 1.40 -2.54 -12.04
N ASP A 227 0.54 -1.57 -12.37
CA ASP A 227 0.97 -0.43 -13.18
C ASP A 227 2.07 0.36 -12.45
N ILE A 228 1.95 0.52 -11.14
CA ILE A 228 3.01 1.20 -10.38
C ILE A 228 4.32 0.42 -10.51
N THR A 229 4.25 -0.90 -10.30
CA THR A 229 5.44 -1.74 -10.37
C THR A 229 6.13 -1.62 -11.73
N LEU A 230 5.36 -1.78 -12.79
CA LEU A 230 5.92 -1.72 -14.15
C LEU A 230 6.54 -0.35 -14.43
N HIS A 231 5.89 0.71 -13.98
CA HIS A 231 6.37 2.05 -14.21
C HIS A 231 7.72 2.29 -13.54
N ILE A 232 7.82 1.90 -12.27
CA ILE A 232 9.06 2.10 -11.53
C ILE A 232 10.17 1.19 -12.06
N MET A 233 9.85 -0.04 -12.44
CA MET A 233 10.85 -0.91 -13.06
C MET A 233 11.43 -0.25 -14.33
N GLU A 234 10.58 0.39 -15.13
CA GLU A 234 11.04 1.09 -16.33
C GLU A 234 11.92 2.28 -15.97
N GLN A 235 11.58 2.98 -14.91
CA GLN A 235 12.43 4.10 -14.43
C GLN A 235 13.84 3.62 -14.07
N PHE A 236 13.92 2.38 -13.57
CA PHE A 236 15.17 1.72 -13.23
C PHE A 236 15.74 0.91 -14.40
N GLY A 237 15.25 1.19 -15.60
CA GLY A 237 15.87 0.66 -16.82
C GLY A 237 15.50 -0.70 -17.32
N VAL A 238 14.39 -1.25 -16.84
CA VAL A 238 13.96 -2.58 -17.24
C VAL A 238 12.62 -2.56 -17.98
N GLN A 239 12.63 -3.29 -19.09
CA GLN A 239 11.47 -3.47 -19.94
C GLN A 239 10.72 -4.76 -19.56
N VAL A 240 9.41 -4.64 -19.52
CA VAL A 240 8.52 -5.76 -19.31
C VAL A 240 7.46 -5.75 -20.40
N ILE A 241 7.17 -6.92 -20.97
N ILE A 241 7.19 -6.91 -21.01
CA ILE A 241 6.17 -7.09 -21.99
CA ILE A 241 6.10 -7.01 -21.96
C ILE A 241 4.87 -7.55 -21.29
C ILE A 241 4.91 -7.46 -21.17
N ASN A 242 3.84 -6.70 -21.31
CA ASN A 242 2.59 -6.98 -20.66
C ASN A 242 1.57 -7.37 -21.74
N HIS A 243 1.24 -8.66 -21.78
CA HIS A 243 0.26 -9.15 -22.72
C HIS A 243 -1.09 -9.16 -21.99
N ASP A 244 -1.76 -8.01 -22.00
N ASP A 244 -1.74 -8.01 -22.01
CA ASP A 244 -3.12 -7.84 -21.43
CA ASP A 244 -3.10 -7.80 -21.45
C ASP A 244 -3.33 -8.29 -19.98
C ASP A 244 -3.32 -8.28 -20.00
N TYR A 245 -2.30 -8.10 -19.16
CA TYR A 245 -2.34 -8.48 -17.72
C TYR A 245 -2.59 -9.97 -17.42
N GLN A 246 -2.44 -10.80 -18.43
CA GLN A 246 -2.60 -12.26 -18.30
C GLN A 246 -1.27 -12.99 -18.41
N GLU A 247 -0.30 -12.33 -19.04
CA GLU A 247 1.02 -12.91 -19.22
C GLU A 247 2.00 -11.74 -19.27
N PHE A 248 3.10 -11.90 -18.55
CA PHE A 248 4.18 -10.90 -18.52
C PHE A 248 5.48 -11.56 -18.93
N VAL A 249 6.21 -10.94 -19.84
CA VAL A 249 7.50 -11.48 -20.28
C VAL A 249 8.57 -10.48 -19.91
N ILE A 250 9.59 -10.97 -19.23
CA ILE A 250 10.71 -10.15 -18.84
C ILE A 250 11.94 -10.63 -19.63
N PRO A 251 12.29 -9.92 -20.72
CA PRO A 251 13.41 -10.34 -21.54
C PRO A 251 14.70 -10.48 -20.78
N ALA A 252 15.53 -11.38 -21.26
CA ALA A 252 16.80 -11.68 -20.66
C ALA A 252 17.84 -10.57 -20.82
N GLY A 253 18.79 -10.63 -19.90
N GLY A 253 18.85 -10.64 -19.97
CA GLY A 253 20.01 -9.83 -19.95
CA GLY A 253 20.00 -9.77 -20.08
C GLY A 253 19.94 -8.44 -19.40
C GLY A 253 19.72 -8.31 -19.82
N GLN A 254 18.79 -8.07 -18.87
N GLN A 254 18.90 -8.07 -18.80
CA GLN A 254 18.60 -6.74 -18.34
CA GLN A 254 18.64 -6.73 -18.35
C GLN A 254 19.15 -6.60 -16.92
C GLN A 254 19.15 -6.60 -16.93
N SER A 255 19.40 -5.36 -16.53
N SER A 255 19.37 -5.36 -16.50
CA SER A 255 19.86 -5.05 -15.16
CA SER A 255 19.79 -5.10 -15.13
C SER A 255 19.27 -3.72 -14.74
C SER A 255 19.29 -3.73 -14.74
N TYR A 256 19.00 -3.59 -13.46
CA TYR A 256 18.52 -2.32 -12.95
C TYR A 256 19.68 -1.32 -12.91
N VAL A 257 19.41 -0.12 -13.40
CA VAL A 257 20.34 0.99 -13.37
C VAL A 257 19.58 2.16 -12.74
N SER A 258 20.15 2.74 -11.69
CA SER A 258 19.49 3.85 -11.02
C SER A 258 19.17 4.98 -11.96
N PRO A 259 18.00 5.60 -11.81
CA PRO A 259 17.72 6.79 -12.59
C PRO A 259 18.48 8.01 -12.10
N GLY A 260 19.16 7.91 -10.97
CA GLY A 260 19.86 9.01 -10.33
C GLY A 260 18.89 9.63 -9.32
N GLN A 261 18.41 10.81 -9.58
CA GLN A 261 17.42 11.45 -8.73
C GLN A 261 16.10 10.71 -8.92
N PHE A 262 15.37 10.53 -7.84
CA PHE A 262 14.05 9.89 -7.87
C PHE A 262 13.14 10.58 -6.90
N LEU A 263 12.07 11.17 -7.40
CA LEU A 263 11.09 11.85 -6.58
C LEU A 263 9.92 10.93 -6.31
N VAL A 264 9.68 10.67 -5.04
CA VAL A 264 8.55 9.85 -4.62
C VAL A 264 7.27 10.70 -4.64
N GLU A 265 6.24 10.22 -5.33
CA GLU A 265 4.94 10.89 -5.31
C GLU A 265 4.39 10.97 -3.90
N GLY A 266 3.61 12.01 -3.63
CA GLY A 266 2.83 12.04 -2.40
C GLY A 266 1.85 10.87 -2.38
N ASP A 267 1.43 10.49 -1.18
CA ASP A 267 0.58 9.31 -1.02
C ASP A 267 -0.89 9.62 -1.30
N ALA A 268 -1.41 9.05 -2.38
CA ALA A 268 -2.80 9.27 -2.77
C ALA A 268 -3.80 8.61 -1.83
N SER A 269 -3.40 7.54 -1.16
CA SER A 269 -4.26 6.89 -0.17
C SER A 269 -4.38 7.80 1.05
N SER A 270 -3.26 8.33 1.49
CA SER A 270 -3.23 9.30 2.58
C SER A 270 -4.06 10.55 2.26
N ALA A 271 -4.07 10.92 0.97
CA ALA A 271 -4.83 12.11 0.57
C ALA A 271 -6.33 11.92 0.73
N SER A 272 -6.80 10.68 0.64
CA SER A 272 -8.23 10.44 0.58
C SER A 272 -8.96 11.05 1.76
N TYR A 273 -8.37 10.99 2.95
CA TYR A 273 -9.04 11.47 4.16
C TYR A 273 -9.33 12.95 4.07
N PHE A 274 -8.39 13.70 3.51
CA PHE A 274 -8.49 15.17 3.48
C PHE A 274 -9.43 15.63 2.40
N LEU A 275 -9.42 14.93 1.25
CA LEU A 275 -10.38 15.21 0.18
C LEU A 275 -11.81 14.91 0.67
N ALA A 276 -11.97 13.75 1.33
CA ALA A 276 -13.27 13.39 1.91
C ALA A 276 -13.70 14.40 2.95
N ALA A 277 -12.77 14.85 3.78
CA ALA A 277 -13.11 15.83 4.82
C ALA A 277 -13.72 17.09 4.21
N ALA A 278 -13.16 17.57 3.10
CA ALA A 278 -13.72 18.72 2.40
C ALA A 278 -15.11 18.40 1.83
N ALA A 279 -15.24 17.21 1.27
CA ALA A 279 -16.52 16.79 0.69
C ALA A 279 -17.63 16.76 1.76
N ILE A 280 -17.28 16.41 2.99
CA ILE A 280 -18.21 16.32 4.07
C ILE A 280 -18.49 17.67 4.76
N LYS A 281 -17.41 18.42 5.05
CA LYS A 281 -17.50 19.57 5.96
CA LYS A 281 -17.53 19.58 5.94
C LYS A 281 -16.77 20.81 5.47
N GLY A 282 -16.45 20.86 4.19
CA GLY A 282 -15.78 22.01 3.62
C GLY A 282 -16.74 23.11 3.24
N GLY A 283 -16.23 24.21 2.70
CA GLY A 283 -14.81 24.47 2.51
C GLY A 283 -14.18 23.71 1.37
N GLU A 284 -12.90 23.96 1.19
CA GLU A 284 -12.10 23.22 0.21
C GLU A 284 -10.75 22.90 0.78
N VAL A 285 -10.24 21.77 0.33
CA VAL A 285 -8.93 21.30 0.69
C VAL A 285 -8.11 21.00 -0.55
N LYS A 286 -6.88 21.49 -0.56
N LYS A 286 -6.89 21.51 -0.55
CA LYS A 286 -5.90 21.24 -1.61
CA LYS A 286 -5.91 21.21 -1.58
C LYS A 286 -4.84 20.29 -1.05
C LYS A 286 -4.92 20.22 -0.99
N VAL A 287 -4.60 19.16 -1.72
CA VAL A 287 -3.51 18.27 -1.34
C VAL A 287 -2.46 18.40 -2.44
N THR A 288 -1.20 18.47 -2.02
CA THR A 288 -0.08 18.60 -2.95
C THR A 288 0.79 17.34 -2.93
N GLY A 289 1.35 17.05 -4.09
CA GLY A 289 2.21 15.88 -4.28
C GLY A 289 1.61 14.80 -5.17
N ILE A 290 0.34 14.95 -5.52
CA ILE A 290 -0.34 14.10 -6.47
C ILE A 290 -1.07 15.00 -7.45
N GLY A 291 -1.41 14.45 -8.59
CA GLY A 291 -2.15 15.17 -9.62
C GLY A 291 -2.69 14.27 -10.68
N LYS A 292 -3.12 14.89 -11.77
CA LYS A 292 -3.86 14.20 -12.82
C LYS A 292 -3.11 13.06 -13.49
N ASN A 293 -1.78 13.17 -13.52
CA ASN A 293 -0.93 12.18 -14.19
C ASN A 293 -0.12 11.31 -13.24
N SER A 294 -0.48 11.28 -11.96
CA SER A 294 0.22 10.44 -11.00
C SER A 294 0.02 8.97 -11.37
N ILE A 295 0.99 8.15 -11.00
N ILE A 295 1.00 8.16 -10.98
CA ILE A 295 0.92 6.71 -11.33
CA ILE A 295 1.00 6.71 -11.28
C ILE A 295 0.02 5.92 -10.35
C ILE A 295 0.20 5.87 -10.30
N GLN A 296 -0.15 6.44 -9.15
CA GLN A 296 -0.94 5.71 -8.15
C GLN A 296 -2.42 5.57 -8.53
N GLY A 297 -2.96 4.37 -8.41
CA GLY A 297 -4.36 4.13 -8.67
C GLY A 297 -5.27 4.94 -7.74
N ASP A 298 -4.83 5.18 -6.51
CA ASP A 298 -5.73 5.82 -5.53
C ASP A 298 -6.05 7.28 -5.83
N ILE A 299 -5.42 7.91 -6.84
CA ILE A 299 -5.93 9.21 -7.25
C ILE A 299 -7.40 9.04 -7.71
N GLN A 300 -7.77 7.85 -8.16
CA GLN A 300 -9.13 7.59 -8.63
C GLN A 300 -10.17 7.65 -7.51
N PHE A 301 -9.73 7.71 -6.26
CA PHE A 301 -10.65 8.00 -5.17
C PHE A 301 -11.39 9.33 -5.44
N ALA A 302 -10.68 10.29 -6.00
CA ALA A 302 -11.30 11.59 -6.28
C ALA A 302 -12.47 11.45 -7.26
N ASP A 303 -12.35 10.54 -8.23
N ASP A 303 -12.34 10.55 -8.23
CA ASP A 303 -13.43 10.27 -9.19
CA ASP A 303 -13.43 10.29 -9.17
C ASP A 303 -14.66 9.69 -8.48
C ASP A 303 -14.66 9.76 -8.43
N ALA A 304 -14.43 8.84 -7.49
CA ALA A 304 -15.55 8.30 -6.69
C ALA A 304 -16.20 9.41 -5.86
N LEU A 305 -15.40 10.28 -5.23
N LEU A 305 -15.38 10.25 -5.27
CA LEU A 305 -15.98 11.41 -4.48
CA LEU A 305 -15.87 11.32 -4.46
C LEU A 305 -16.80 12.29 -5.37
C LEU A 305 -16.68 12.35 -5.31
N GLU A 306 -16.29 12.52 -6.57
CA GLU A 306 -17.00 13.38 -7.52
C GLU A 306 -18.38 12.73 -7.83
N LYS A 307 -18.42 11.42 -7.97
N LYS A 307 -18.42 11.42 -7.98
CA LYS A 307 -19.69 10.71 -8.20
CA LYS A 307 -19.68 10.71 -8.21
C LYS A 307 -20.66 10.89 -7.03
C LYS A 307 -20.65 10.90 -7.04
N MET A 308 -20.11 11.06 -5.83
CA MET A 308 -20.94 11.32 -4.65
C MET A 308 -21.41 12.77 -4.60
N GLY A 309 -20.78 13.67 -5.35
CA GLY A 309 -21.21 15.07 -5.39
C GLY A 309 -20.20 16.08 -4.97
N ALA A 310 -18.99 15.66 -4.62
CA ALA A 310 -17.94 16.62 -4.33
C ALA A 310 -17.51 17.33 -5.61
N GLN A 311 -16.98 18.53 -5.47
CA GLN A 311 -16.41 19.27 -6.61
C GLN A 311 -14.89 19.04 -6.61
N ILE A 312 -14.37 18.50 -7.69
CA ILE A 312 -12.95 18.17 -7.78
C ILE A 312 -12.28 18.99 -8.84
N GLU A 313 -11.15 19.60 -8.49
CA GLU A 313 -10.28 20.30 -9.45
C GLU A 313 -8.96 19.59 -9.51
N TRP A 314 -8.59 19.17 -10.71
CA TRP A 314 -7.35 18.47 -10.96
C TRP A 314 -6.22 19.40 -11.36
N GLY A 315 -5.10 19.30 -10.66
CA GLY A 315 -3.88 19.99 -11.06
C GLY A 315 -2.80 19.01 -11.42
N ASP A 316 -1.63 19.54 -11.76
CA ASP A 316 -0.48 18.71 -12.09
C ASP A 316 0.17 18.14 -10.82
N ASP A 317 0.33 18.98 -9.81
CA ASP A 317 0.90 18.56 -8.53
C ASP A 317 -0.04 18.84 -7.36
N TYR A 318 -1.32 19.02 -7.65
CA TYR A 318 -2.32 19.11 -6.61
C TYR A 318 -3.65 18.54 -7.08
N VAL A 319 -4.49 18.27 -6.10
CA VAL A 319 -5.91 17.96 -6.28
C VAL A 319 -6.67 18.77 -5.24
N ILE A 320 -7.76 19.40 -5.66
CA ILE A 320 -8.64 20.12 -4.73
C ILE A 320 -10.00 19.45 -4.69
N ALA A 321 -10.52 19.27 -3.47
CA ALA A 321 -11.90 18.88 -3.27
C ALA A 321 -12.60 20.01 -2.56
N ARG A 322 -13.80 20.30 -3.02
N ARG A 322 -13.80 20.33 -3.03
CA ARG A 322 -14.64 21.34 -2.46
CA ARG A 322 -14.63 21.34 -2.39
C ARG A 322 -16.02 20.77 -2.15
C ARG A 322 -16.01 20.77 -2.14
N ARG A 323 -16.59 21.16 -1.02
CA ARG A 323 -17.92 20.70 -0.67
C ARG A 323 -18.92 20.99 -1.77
N GLY A 324 -19.69 19.97 -2.13
CA GLY A 324 -20.84 20.14 -3.02
C GLY A 324 -22.00 19.52 -2.26
N GLU A 325 -22.30 18.28 -2.60
CA GLU A 325 -23.24 17.48 -1.84
C GLU A 325 -22.67 16.08 -1.70
N LEU A 326 -23.37 15.24 -0.96
CA LEU A 326 -22.95 13.86 -0.77
C LEU A 326 -24.13 12.95 -0.91
N ASN A 327 -24.11 12.20 -2.00
CA ASN A 327 -25.10 11.19 -2.35
C ASN A 327 -24.45 9.82 -2.36
N ALA A 328 -25.19 8.83 -1.92
CA ALA A 328 -24.72 7.45 -1.92
C ALA A 328 -24.36 6.98 -3.33
N VAL A 329 -23.37 6.08 -3.39
CA VAL A 329 -22.97 5.43 -4.63
C VAL A 329 -22.94 3.92 -4.40
N ASP A 330 -22.98 3.17 -5.49
CA ASP A 330 -22.93 1.70 -5.47
C ASP A 330 -21.93 1.36 -6.58
N LEU A 331 -20.70 1.04 -6.19
CA LEU A 331 -19.62 0.86 -7.15
C LEU A 331 -18.72 -0.29 -6.79
N ASP A 332 -18.06 -0.80 -7.82
CA ASP A 332 -16.97 -1.76 -7.70
C ASP A 332 -15.68 -0.97 -7.35
N PHE A 333 -15.08 -1.29 -6.21
CA PHE A 333 -13.89 -0.60 -5.71
C PHE A 333 -12.63 -1.44 -5.74
N ASN A 334 -12.62 -2.49 -6.56
CA ASN A 334 -11.47 -3.36 -6.62
C ASN A 334 -10.19 -2.65 -7.05
N HIS A 335 -10.34 -1.59 -7.82
CA HIS A 335 -9.18 -0.84 -8.32
C HIS A 335 -8.54 0.05 -7.26
N ILE A 336 -9.28 0.37 -6.18
CA ILE A 336 -8.80 1.29 -5.12
C ILE A 336 -9.19 0.77 -3.73
N PRO A 337 -8.77 -0.45 -3.38
CA PRO A 337 -9.27 -1.04 -2.14
C PRO A 337 -8.91 -0.30 -0.87
N ASP A 338 -7.78 0.39 -0.84
CA ASP A 338 -7.34 1.10 0.37
C ASP A 338 -8.14 2.39 0.56
N ALA A 339 -8.12 3.25 -0.46
CA ALA A 339 -8.92 4.47 -0.39
C ALA A 339 -10.42 4.19 -0.31
N ALA A 340 -10.85 3.02 -0.79
CA ALA A 340 -12.27 2.65 -0.69
C ALA A 340 -12.75 2.65 0.76
N MET A 341 -11.88 2.35 1.72
CA MET A 341 -12.30 2.39 3.12
C MET A 341 -12.79 3.78 3.50
N THR A 342 -12.20 4.83 2.91
CA THR A 342 -12.62 6.18 3.20
C THR A 342 -14.04 6.44 2.74
N ILE A 343 -14.46 5.79 1.65
CA ILE A 343 -15.84 5.89 1.22
C ILE A 343 -16.80 5.36 2.28
N ALA A 344 -16.36 4.34 3.03
CA ALA A 344 -17.24 3.72 4.05
C ALA A 344 -17.65 4.70 5.14
N THR A 345 -16.72 5.49 5.65
CA THR A 345 -17.08 6.52 6.64
C THR A 345 -17.66 7.77 6.00
N THR A 346 -17.23 8.13 4.78
CA THR A 346 -17.87 9.23 4.07
C THR A 346 -19.37 8.94 3.88
N ALA A 347 -19.70 7.67 3.65
CA ALA A 347 -21.08 7.22 3.45
C ALA A 347 -21.97 7.59 4.64
N LEU A 348 -21.40 7.73 5.82
CA LEU A 348 -22.17 8.13 7.01
C LEU A 348 -22.82 9.50 6.82
N PHE A 349 -22.27 10.30 5.91
CA PHE A 349 -22.72 11.66 5.66
C PHE A 349 -23.50 11.85 4.37
N ALA A 350 -23.70 10.75 3.66
CA ALA A 350 -24.34 10.79 2.35
C ALA A 350 -25.83 10.53 2.45
N LYS A 351 -26.54 10.98 1.42
CA LYS A 351 -27.96 10.72 1.28
C LYS A 351 -28.13 9.39 0.57
N GLY A 352 -28.76 8.44 1.24
CA GLY A 352 -29.00 7.13 0.67
C GLY A 352 -28.03 6.06 1.16
N THR A 353 -28.17 4.87 0.60
CA THR A 353 -27.39 3.67 1.00
C THR A 353 -26.25 3.40 0.02
N THR A 354 -25.02 3.41 0.54
CA THR A 354 -23.81 3.20 -0.23
C THR A 354 -23.40 1.74 -0.23
N ALA A 355 -22.95 1.25 -1.38
CA ALA A 355 -22.41 -0.11 -1.50
C ALA A 355 -21.00 -0.03 -2.08
N ILE A 356 -20.09 -0.73 -1.39
CA ILE A 356 -18.69 -0.85 -1.76
C ILE A 356 -18.51 -2.32 -2.12
N ARG A 357 -18.27 -2.59 -3.41
CA ARG A 357 -18.27 -3.98 -3.92
C ARG A 357 -16.91 -4.43 -4.41
N ASN A 358 -16.75 -5.76 -4.44
CA ASN A 358 -15.58 -6.43 -5.00
C ASN A 358 -14.31 -6.05 -4.24
N VAL A 359 -14.39 -6.16 -2.91
CA VAL A 359 -13.28 -5.85 -2.01
C VAL A 359 -12.98 -7.01 -1.05
N TYR A 360 -13.04 -8.24 -1.55
CA TYR A 360 -12.74 -9.39 -0.70
C TYR A 360 -11.45 -9.24 0.09
N ASN A 361 -10.39 -8.78 -0.56
CA ASN A 361 -9.09 -8.79 0.11
C ASN A 361 -8.94 -7.81 1.25
N TRP A 362 -9.97 -6.99 1.49
CA TRP A 362 -10.08 -6.34 2.80
C TRP A 362 -9.89 -7.34 3.94
N ARG A 363 -10.33 -8.58 3.71
CA ARG A 363 -10.29 -9.59 4.78
C ARG A 363 -8.90 -10.06 5.13
N VAL A 364 -7.91 -9.84 4.27
CA VAL A 364 -6.56 -10.39 4.46
C VAL A 364 -5.49 -9.32 4.60
N LYS A 365 -5.91 -8.14 5.02
CA LYS A 365 -5.02 -7.00 5.19
C LYS A 365 -4.71 -6.76 6.67
N GLU A 366 -4.53 -5.52 7.09
CA GLU A 366 -4.04 -5.24 8.45
C GLU A 366 -4.93 -5.89 9.52
N THR A 367 -6.22 -5.92 9.25
CA THR A 367 -7.19 -6.74 9.98
C THR A 367 -8.17 -7.25 8.90
N ASP A 368 -9.16 -8.05 9.28
CA ASP A 368 -10.29 -8.34 8.38
C ASP A 368 -11.12 -7.06 8.38
N ARG A 369 -10.94 -6.26 7.34
CA ARG A 369 -11.53 -4.94 7.29
C ARG A 369 -13.02 -4.97 7.02
N LEU A 370 -13.53 -6.00 6.35
CA LEU A 370 -15.00 -6.09 6.18
C LEU A 370 -15.68 -6.31 7.54
N ALA A 371 -15.12 -7.22 8.33
CA ALA A 371 -15.65 -7.46 9.67
C ALA A 371 -15.50 -6.24 10.58
N ALA A 372 -14.32 -5.62 10.55
CA ALA A 372 -14.04 -4.49 11.41
C ALA A 372 -14.90 -3.28 11.05
N MET A 373 -14.98 -3.00 9.75
N MET A 373 -15.00 -2.95 9.75
CA MET A 373 -15.75 -1.89 9.28
CA MET A 373 -15.85 -1.79 9.38
C MET A 373 -17.22 -2.05 9.68
C MET A 373 -17.29 -2.04 9.73
N ALA A 374 -17.78 -3.26 9.51
CA ALA A 374 -19.16 -3.51 9.86
C ALA A 374 -19.41 -3.23 11.36
N THR A 375 -18.52 -3.74 12.20
CA THR A 375 -18.66 -3.54 13.65
C THR A 375 -18.62 -2.07 14.02
N GLU A 376 -17.61 -1.37 13.54
CA GLU A 376 -17.42 0.01 13.98
C GLU A 376 -18.46 0.95 13.39
N LEU A 377 -18.83 0.74 12.13
CA LEU A 377 -19.88 1.55 11.52
C LEU A 377 -21.20 1.43 12.29
N ARG A 378 -21.52 0.22 12.73
CA ARG A 378 -22.75 0.03 13.49
C ARG A 378 -22.69 0.75 14.85
N LYS A 379 -21.51 0.82 15.44
CA LYS A 379 -21.35 1.52 16.71
C LYS A 379 -21.64 3.02 16.64
N VAL A 380 -21.41 3.62 15.47
CA VAL A 380 -21.72 5.03 15.32
C VAL A 380 -23.16 5.24 14.81
N GLY A 381 -23.89 4.16 14.60
CA GLY A 381 -25.33 4.21 14.28
C GLY A 381 -25.75 3.71 12.91
N ALA A 382 -24.79 3.39 12.04
CA ALA A 382 -25.17 2.92 10.71
C ALA A 382 -25.80 1.52 10.80
N THR A 383 -26.61 1.19 9.81
CA THR A 383 -27.09 -0.18 9.60
C THR A 383 -26.27 -0.72 8.41
N VAL A 384 -25.77 -1.93 8.55
CA VAL A 384 -24.75 -2.44 7.64
C VAL A 384 -24.96 -3.89 7.28
N GLU A 385 -24.94 -4.18 5.99
CA GLU A 385 -24.86 -5.55 5.52
C GLU A 385 -23.39 -5.84 5.18
N GLU A 386 -22.82 -6.84 5.85
CA GLU A 386 -21.47 -7.29 5.58
C GLU A 386 -21.56 -8.51 4.68
N GLY A 387 -21.25 -8.31 3.42
CA GLY A 387 -21.23 -9.38 2.48
C GLY A 387 -19.88 -10.08 2.45
N GLU A 388 -19.78 -11.15 1.69
CA GLU A 388 -18.51 -11.89 1.65
C GLU A 388 -17.40 -11.00 1.11
N ASP A 389 -17.73 -10.17 0.11
CA ASP A 389 -16.77 -9.34 -0.59
C ASP A 389 -17.31 -7.95 -0.87
N PHE A 390 -18.25 -7.51 -0.05
CA PHE A 390 -18.87 -6.19 -0.21
C PHE A 390 -19.44 -5.73 1.12
N ILE A 391 -19.73 -4.43 1.21
CA ILE A 391 -20.38 -3.87 2.39
C ILE A 391 -21.40 -2.81 1.91
N VAL A 392 -22.57 -2.87 2.54
CA VAL A 392 -23.70 -1.97 2.23
C VAL A 392 -23.98 -1.16 3.49
N ILE A 393 -23.97 0.17 3.36
CA ILE A 393 -24.00 1.06 4.51
C ILE A 393 -25.15 2.05 4.40
N THR A 394 -26.02 2.04 5.41
CA THR A 394 -27.14 2.97 5.50
C THR A 394 -26.84 3.88 6.66
N PRO A 395 -26.70 5.20 6.40
CA PRO A 395 -26.28 6.10 7.44
C PRO A 395 -27.33 6.35 8.50
N PRO A 396 -26.91 6.71 9.71
CA PRO A 396 -27.87 7.13 10.70
C PRO A 396 -28.24 8.60 10.53
N THR A 397 -29.40 8.94 11.04
CA THR A 397 -29.80 10.34 11.09
C THR A 397 -28.93 11.12 12.04
N LYS A 398 -28.63 10.50 13.17
CA LYS A 398 -27.81 11.07 14.23
C LYS A 398 -26.63 10.13 14.49
N LEU A 399 -25.42 10.64 14.37
CA LEU A 399 -24.23 9.84 14.69
C LEU A 399 -24.13 9.68 16.20
N ILE A 400 -23.62 8.54 16.61
CA ILE A 400 -23.43 8.22 18.00
C ILE A 400 -21.95 8.32 18.35
N HIS A 401 -21.64 8.90 19.50
CA HIS A 401 -20.28 8.95 20.01
C HIS A 401 -19.91 7.53 20.46
N ALA A 402 -18.86 6.97 19.85
CA ALA A 402 -18.36 5.66 20.20
C ALA A 402 -16.87 5.73 20.37
N ALA A 403 -16.35 4.75 21.12
CA ALA A 403 -14.92 4.50 21.25
C ALA A 403 -14.60 3.46 20.19
N ILE A 404 -14.00 3.91 19.09
CA ILE A 404 -13.76 3.09 17.91
C ILE A 404 -12.51 2.26 18.11
N ASP A 405 -12.67 0.95 17.93
CA ASP A 405 -11.55 0.03 17.92
C ASP A 405 -10.87 0.06 16.56
N THR A 406 -9.55 -0.03 16.58
CA THR A 406 -8.76 0.20 15.38
C THR A 406 -7.98 -1.02 14.89
N TYR A 407 -7.92 -2.09 15.66
CA TYR A 407 -7.49 -3.39 15.13
C TYR A 407 -6.06 -3.37 14.59
N ASP A 408 -5.18 -2.57 15.18
CA ASP A 408 -3.79 -2.39 14.66
C ASP A 408 -3.80 -2.01 13.18
N ASP A 409 -4.78 -1.22 12.77
CA ASP A 409 -4.98 -0.84 11.39
C ASP A 409 -5.07 0.69 11.25
N HIS A 410 -3.98 1.28 10.79
CA HIS A 410 -3.88 2.70 10.49
C HIS A 410 -5.13 3.25 9.84
N ARG A 411 -5.69 2.55 8.85
CA ARG A 411 -6.82 3.12 8.14
C ARG A 411 -8.11 3.11 8.93
N MET A 412 -8.27 2.20 9.89
CA MET A 412 -9.45 2.29 10.74
C MET A 412 -9.42 3.60 11.52
N ALA A 413 -8.25 3.97 12.06
CA ALA A 413 -8.13 5.23 12.79
C ALA A 413 -8.42 6.43 11.88
N MET A 414 -7.80 6.44 10.70
CA MET A 414 -7.95 7.58 9.80
C MET A 414 -9.38 7.67 9.26
N CYS A 415 -9.98 6.56 8.86
CA CYS A 415 -11.35 6.63 8.37
C CYS A 415 -12.31 7.14 9.43
N PHE A 416 -12.18 6.67 10.66
CA PHE A 416 -13.15 7.05 11.70
C PHE A 416 -12.92 8.44 12.28
N SER A 417 -11.76 9.04 12.01
CA SER A 417 -11.56 10.43 12.40
C SER A 417 -12.64 11.32 11.77
N LEU A 418 -13.13 10.93 10.61
CA LEU A 418 -14.11 11.72 9.88
C LEU A 418 -15.46 11.84 10.59
N VAL A 419 -15.72 10.94 11.53
CA VAL A 419 -16.99 10.97 12.28
C VAL A 419 -17.15 12.31 13.00
N ALA A 420 -16.04 12.89 13.46
CA ALA A 420 -16.06 14.18 14.17
C ALA A 420 -16.44 15.37 13.29
N LEU A 421 -16.65 15.13 11.99
N LEU A 421 -16.56 15.17 11.97
CA LEU A 421 -17.14 16.15 11.09
CA LEU A 421 -17.01 16.23 11.04
C LEU A 421 -18.67 16.27 11.22
C LEU A 421 -18.52 16.29 11.08
N SER A 422 -19.25 15.44 12.08
N SER A 422 -19.02 16.67 12.24
CA SER A 422 -20.66 15.55 12.44
CA SER A 422 -20.43 16.59 12.55
C SER A 422 -20.76 16.54 13.63
C SER A 422 -20.67 17.23 13.87
N ASP A 423 -21.93 16.57 14.27
N ASP A 423 -21.86 17.00 14.41
CA ASP A 423 -22.12 17.38 15.50
CA ASP A 423 -22.20 17.49 15.75
C ASP A 423 -21.74 16.60 16.76
C ASP A 423 -21.86 16.50 16.85
N THR A 424 -21.13 15.43 16.54
CA THR A 424 -20.85 14.44 17.56
C THR A 424 -19.39 14.06 17.60
N PRO A 425 -18.83 13.87 18.80
CA PRO A 425 -17.45 13.48 18.88
C PRO A 425 -17.20 12.06 18.38
N VAL A 426 -15.93 11.75 18.21
CA VAL A 426 -15.51 10.36 18.03
C VAL A 426 -14.30 10.13 18.92
N THR A 427 -14.22 8.94 19.51
CA THR A 427 -13.04 8.54 20.25
C THR A 427 -12.36 7.44 19.45
N ILE A 428 -11.06 7.62 19.21
CA ILE A 428 -10.26 6.70 18.43
C ILE A 428 -9.32 5.97 19.38
N ASN A 429 -9.47 4.65 19.51
CA ASN A 429 -8.56 3.88 20.33
C ASN A 429 -7.25 3.66 19.57
N ASP A 430 -6.15 3.64 20.31
CA ASP A 430 -4.82 3.39 19.74
C ASP A 430 -4.54 4.27 18.51
N PRO A 431 -4.67 5.59 18.66
CA PRO A 431 -4.47 6.48 17.51
C PRO A 431 -3.07 6.43 16.89
N LYS A 432 -2.06 5.99 17.65
CA LYS A 432 -0.71 5.88 17.10
C LYS A 432 -0.59 4.79 16.05
N CYS A 433 -1.62 3.95 15.87
CA CYS A 433 -1.55 2.95 14.80
C CYS A 433 -1.44 3.57 13.42
N THR A 434 -1.75 4.86 13.29
CA THR A 434 -1.57 5.54 12.00
C THR A 434 -0.12 5.52 11.53
N SER A 435 0.82 5.24 12.42
CA SER A 435 2.23 5.23 12.08
C SER A 435 2.63 4.24 10.99
N LYS A 436 1.79 3.27 10.66
CA LYS A 436 2.15 2.32 9.62
C LYS A 436 2.46 3.03 8.30
N THR A 437 1.66 4.06 8.00
CA THR A 437 1.81 4.87 6.77
C THR A 437 1.76 6.37 6.96
N PHE A 438 1.38 6.87 8.14
CA PHE A 438 1.10 8.28 8.26
C PHE A 438 1.16 8.71 9.72
N PRO A 439 2.37 8.71 10.28
CA PRO A 439 2.51 9.07 11.69
C PRO A 439 1.92 10.41 12.09
N ASP A 440 2.00 11.40 11.21
CA ASP A 440 1.49 12.73 11.53
C ASP A 440 0.06 13.00 11.10
N TYR A 441 -0.71 11.93 10.85
CA TYR A 441 -2.08 12.07 10.39
C TYR A 441 -2.90 13.07 11.21
N PHE A 442 -2.97 12.85 12.51
CA PHE A 442 -3.86 13.67 13.33
C PHE A 442 -3.48 15.14 13.32
N ASP A 443 -2.18 15.43 13.25
CA ASP A 443 -1.75 16.83 13.16
C ASP A 443 -2.17 17.45 11.83
N LYS A 444 -2.05 16.71 10.74
CA LYS A 444 -2.51 17.25 9.44
C LYS A 444 -4.02 17.44 9.44
N PHE A 445 -4.76 16.51 10.04
CA PHE A 445 -6.20 16.64 10.10
C PHE A 445 -6.58 17.88 10.93
N ALA A 446 -5.87 18.05 12.06
CA ALA A 446 -6.11 19.21 12.95
C ALA A 446 -5.86 20.55 12.25
N GLN A 447 -4.84 20.58 11.41
N GLN A 447 -4.86 20.63 11.39
CA GLN A 447 -4.49 21.78 10.66
CA GLN A 447 -4.57 21.93 10.75
C GLN A 447 -5.68 22.28 9.83
C GLN A 447 -5.64 22.30 9.71
N LEU A 448 -6.48 21.34 9.34
CA LEU A 448 -7.64 21.63 8.46
C LEU A 448 -8.91 21.93 9.23
N SER A 449 -8.89 21.66 10.53
CA SER A 449 -10.08 21.65 11.35
C SER A 449 -10.21 23.02 11.95
N ARG A 450 -11.29 23.68 11.53
CA ARG A 450 -11.61 25.04 11.88
C ARG A 450 -12.87 24.99 12.75
C1 S3P B . 0.04 -2.34 -2.43
C2 S3P B . -0.89 -3.24 -2.86
C3 S3P B . -2.30 -3.39 -2.28
C4 S3P B . -2.54 -2.34 -1.17
C5 S3P B . -1.28 -2.07 -0.37
C6 S3P B . -0.22 -1.55 -1.31
C7 S3P B . 1.32 -2.27 -3.20
O1 S3P B . -2.39 -4.78 -1.87
O2 S3P B . -3.55 -2.81 -0.27
O3 S3P B . -1.53 -1.18 0.73
O4 S3P B . 1.69 -3.20 -3.99
O5 S3P B . 2.02 -1.25 -3.01
P1 S3P B . -3.23 -5.95 -2.59
O6 S3P B . -2.60 -6.14 -3.96
O7 S3P B . -4.63 -5.45 -2.64
O8 S3P B . -2.99 -7.14 -1.69
O12 SKM C . -3.86 -2.79 -0.66
C8 SKM C . -2.67 -2.44 -1.37
C6 SKM C . -1.47 -2.26 -0.43
O7 SKM C . -1.72 -1.28 0.58
C5 SKM C . -0.27 -1.90 -1.28
C4 SKM C . -0.12 -2.46 -2.52
C1 SKM C . 1.08 -2.21 -3.32
O2 SKM C . 1.38 -3.03 -4.23
O3 SKM C . 1.77 -1.20 -3.07
C10 SKM C . -1.07 -3.26 -3.06
C9 SKM C . -2.35 -3.57 -2.32
O11 SKM C . -2.16 -4.81 -1.62
P1 GPJ D . 0.26 -4.04 3.02
O1 GPJ D . 0.85 -2.79 2.40
O2 GPJ D . 0.36 -5.26 2.17
O3 GPJ D . 0.73 -4.29 4.43
O4 GPJ D . -2.28 0.23 3.33
O5 GPJ D . -4.48 -0.01 3.45
C1 GPJ D . -1.54 -3.81 3.04
C2 GPJ D . -3.22 -1.94 3.10
C3 GPJ D . -3.32 -0.46 3.29
N1 GPJ D . -1.86 -2.42 3.32
MG MG E . -2.48 -18.81 10.66
MG MG F . 1.36 -16.63 -26.61
MG MG G . -17.88 -8.31 20.32
CL CL H . -27.01 -3.66 11.22
CL CL I . 1.13 20.57 5.31
CL CL J . -18.51 2.92 22.61
CL CL K . -24.39 -8.55 7.79
N1 EPE L . -7.80 14.01 -15.68
C2 EPE L . -8.43 12.87 -16.41
C3 EPE L . -7.81 11.55 -15.97
N4 EPE L . -7.91 11.35 -14.52
C5 EPE L . -7.37 12.50 -13.80
C6 EPE L . -8.01 13.82 -14.23
C7 EPE L . -7.26 10.11 -14.09
C8 EPE L . -7.80 9.58 -12.77
O8 EPE L . -9.17 9.30 -12.92
C9 EPE L . -8.45 15.26 -16.10
C9 EPE L . -8.34 15.28 -16.18
C10 EPE L . -7.64 16.46 -15.63
C10 EPE L . -7.78 15.58 -17.57
S EPE L . -8.51 18.03 -15.93
S EPE L . -7.82 17.36 -17.91
O1S EPE L . -9.76 18.04 -15.18
O1S EPE L . -9.19 17.78 -17.72
O2S EPE L . -8.82 18.23 -17.32
O2S EPE L . -7.43 17.65 -19.29
O3S EPE L . -7.69 19.14 -15.44
O3S EPE L . -6.95 18.04 -16.94
P PO4 M . -3.64 -6.45 -3.14
O1 PO4 M . -3.25 -7.23 -1.92
O2 PO4 M . -2.42 -5.74 -3.68
O3 PO4 M . -4.14 -7.35 -4.23
O4 PO4 M . -4.69 -5.44 -2.78
#